data_4L32
#
_entry.id   4L32
#
_cell.length_a   89.920
_cell.length_b   98.780
_cell.length_c   118.260
_cell.angle_alpha   90.00
_cell.angle_beta   90.00
_cell.angle_gamma   90.00
#
_symmetry.space_group_name_H-M   'C 2 2 21'
#
loop_
_entity.id
_entity.type
_entity.pdbx_description
1 polymer Tankyrase-2
2 polymer Tankyrase-2
3 non-polymer 'ZINC ION'
4 non-polymer 'SULFATE ION'
5 non-polymer 2-{4-[(4-methylpiperazin-1-yl)carbonyl]phenyl}-4H-chromen-4-one
6 non-polymer GLYCEROL
7 water water
#
loop_
_entity_poly.entity_id
_entity_poly.type
_entity_poly.pdbx_seq_one_letter_code
_entity_poly.pdbx_strand_id
1 'polypeptide(L)'
;MHHHHHHSSGVDLGTENLYFQSMLNTSGSGTILIDLSPDDKEFQSVEEEMQSTVREHRDGGHAGGIFNRYNILKIQKVCN
KKLWERYTHRRKEVSEENHNHANERMLFHGSPFVNAIIHKGFDERHAYIGGMFGAGIYFAENSSKSNQYVYGIGGGTGCP
VHKDRSCYICHRQLLFCRVTLGKSFLQFSAM
;
A,B
2 'polypeptide(L)' KMAHSPPGHHSVTGRPSVNGLALAEYVIYRGEQAYPEYLITYQIMRPEG C,D
#
loop_
_chem_comp.id
_chem_comp.type
_chem_comp.name
_chem_comp.formula
1VF non-polymer 2-{4-[(4-methylpiperazin-1-yl)carbonyl]phenyl}-4H-chromen-4-one 'C21 H20 N2 O3'
GOL non-polymer GLYCEROL 'C3 H8 O3'
SO4 non-polymer 'SULFATE ION' 'O4 S -2'
ZN non-polymer 'ZINC ION' 'Zn 2'
#
# COMPACT_ATOMS: atom_id res chain seq x y z
N GLY A 30 -2.97 28.65 -24.72
CA GLY A 30 -4.10 28.26 -25.58
C GLY A 30 -5.23 27.55 -24.86
N THR A 31 -5.15 27.43 -23.54
CA THR A 31 -6.26 26.84 -22.78
C THR A 31 -7.32 27.87 -22.42
N ILE A 32 -8.57 27.53 -22.69
CA ILE A 32 -9.69 28.27 -22.14
C ILE A 32 -10.55 27.33 -21.28
N LEU A 33 -11.11 27.87 -20.21
CA LEU A 33 -12.03 27.14 -19.33
C LEU A 33 -13.45 27.64 -19.54
N ILE A 34 -14.35 26.74 -19.89
CA ILE A 34 -15.78 27.10 -20.04
C ILE A 34 -16.60 26.57 -18.88
N ASP A 35 -17.30 27.45 -18.15
CA ASP A 35 -18.16 27.04 -17.03
C ASP A 35 -19.35 26.25 -17.47
N LEU A 36 -19.68 25.15 -16.79
CA LEU A 36 -20.93 24.46 -17.08
C LEU A 36 -21.97 24.93 -16.09
N SER A 37 -23.21 25.00 -16.55
CA SER A 37 -24.33 25.31 -15.66
C SER A 37 -24.68 24.07 -14.84
N PRO A 38 -25.13 24.23 -13.58
CA PRO A 38 -25.64 23.09 -12.83
C PRO A 38 -26.87 22.46 -13.46
N ASP A 39 -27.55 23.20 -14.33
CA ASP A 39 -28.72 22.67 -15.04
C ASP A 39 -28.34 21.83 -16.27
N ASP A 40 -27.06 21.83 -16.64
CA ASP A 40 -26.57 21.11 -17.81
C ASP A 40 -26.42 19.62 -17.48
N LYS A 41 -26.91 18.74 -18.34
CA LYS A 41 -26.80 17.27 -18.11
C LYS A 41 -25.34 16.84 -17.95
N GLU A 42 -24.45 17.54 -18.63
CA GLU A 42 -23.04 17.26 -18.54
C GLU A 42 -22.44 17.61 -17.16
N PHE A 43 -22.86 18.73 -16.59
CA PHE A 43 -22.54 19.05 -15.19
C PHE A 43 -23.06 17.94 -14.28
N GLN A 44 -24.31 17.54 -14.50
CA GLN A 44 -24.92 16.59 -13.59
C GLN A 44 -24.27 15.21 -13.62
N SER A 45 -23.90 14.74 -14.81
CA SER A 45 -23.27 13.42 -14.92
C SER A 45 -21.85 13.41 -14.35
N VAL A 46 -21.11 14.50 -14.49
CA VAL A 46 -19.79 14.62 -13.90
C VAL A 46 -19.86 14.70 -12.37
N GLU A 47 -20.76 15.53 -11.83
CA GLU A 47 -21.02 15.56 -10.38
C GLU A 47 -21.37 14.17 -9.85
N GLU A 48 -22.30 13.47 -10.50
CA GLU A 48 -22.68 12.12 -10.03
C GLU A 48 -21.49 11.12 -9.95
N GLU A 49 -20.60 11.12 -10.94
CA GLU A 49 -19.41 10.25 -10.91
C GLU A 49 -18.48 10.66 -9.77
N MET A 50 -18.35 11.95 -9.56
CA MET A 50 -17.61 12.48 -8.43
C MET A 50 -18.21 11.98 -7.10
N GLN A 51 -19.51 12.17 -6.92
CA GLN A 51 -20.17 11.85 -5.65
C GLN A 51 -20.25 10.34 -5.40
N SER A 52 -20.56 9.56 -6.44
CA SER A 52 -20.88 8.17 -6.28
C SER A 52 -19.63 7.33 -6.15
N THR A 53 -18.44 7.89 -6.42
CA THR A 53 -17.21 7.15 -6.26
C THR A 53 -16.37 7.52 -5.03
N VAL A 54 -16.96 8.20 -4.06
CA VAL A 54 -16.33 8.39 -2.73
C VAL A 54 -16.41 7.05 -2.00
N ARG A 55 -15.31 6.69 -1.37
CA ARG A 55 -15.30 5.56 -0.47
C ARG A 55 -14.56 5.94 0.80
N GLU A 56 -14.58 5.05 1.77
CA GLU A 56 -13.77 5.22 2.98
C GLU A 56 -12.35 4.75 2.68
N HIS A 57 -11.39 5.38 3.31
CA HIS A 57 -9.98 5.08 3.09
C HIS A 57 -9.32 4.48 4.32
N ARG A 58 -8.36 3.61 4.08
CA ARG A 58 -7.76 2.82 5.12
C ARG A 58 -6.92 3.64 6.09
N ASP A 59 -6.66 4.91 5.73
CA ASP A 59 -5.95 5.84 6.62
C ASP A 59 -6.87 6.61 7.55
N GLY A 60 -8.15 6.24 7.56
CA GLY A 60 -9.14 6.87 8.42
C GLY A 60 -9.45 8.34 8.07
N GLY A 61 -8.97 8.78 6.92
CA GLY A 61 -9.05 10.18 6.49
C GLY A 61 -7.77 10.98 6.64
N HIS A 62 -6.67 10.34 7.07
CA HIS A 62 -5.40 11.08 7.31
C HIS A 62 -5.00 11.95 6.14
N ALA A 63 -4.98 11.38 4.93
CA ALA A 63 -4.48 12.10 3.76
C ALA A 63 -5.49 13.08 3.14
N GLY A 64 -6.72 12.65 2.90
CA GLY A 64 -7.71 13.48 2.19
C GLY A 64 -8.77 14.12 3.03
N GLY A 65 -8.80 13.77 4.30
CA GLY A 65 -9.80 14.25 5.21
C GLY A 65 -10.95 13.30 5.41
N ILE A 66 -11.83 13.67 6.33
CA ILE A 66 -12.99 12.87 6.70
C ILE A 66 -14.25 13.42 6.04
N PHE A 67 -14.90 12.63 5.18
CA PHE A 67 -16.10 13.03 4.45
C PHE A 67 -16.80 11.84 3.77
N ASN A 68 -18.09 11.99 3.52
CA ASN A 68 -18.84 11.06 2.72
C ASN A 68 -19.26 11.59 1.34
N ARG A 69 -19.18 12.90 1.17
CA ARG A 69 -19.64 13.55 -0.03
C ARG A 69 -19.00 14.93 -0.15
N TYR A 70 -19.14 15.53 -1.33
CA TYR A 70 -18.56 16.84 -1.61
C TYR A 70 -19.65 17.89 -1.80
N ASN A 71 -19.25 19.14 -1.65
CA ASN A 71 -20.02 20.26 -2.16
C ASN A 71 -19.37 20.69 -3.46
N ILE A 72 -20.00 20.43 -4.59
CA ILE A 72 -19.41 20.79 -5.89
C ILE A 72 -19.66 22.29 -6.12
N LEU A 73 -18.61 23.06 -6.30
CA LEU A 73 -18.75 24.53 -6.49
C LEU A 73 -18.79 24.94 -7.95
N LYS A 74 -18.00 24.25 -8.77
CA LYS A 74 -17.88 24.62 -10.18
C LYS A 74 -17.35 23.43 -10.96
N ILE A 75 -17.88 23.24 -12.18
CA ILE A 75 -17.31 22.29 -13.14
C ILE A 75 -17.04 23.03 -14.44
N GLN A 76 -15.79 23.03 -14.85
CA GLN A 76 -15.40 23.72 -16.10
C GLN A 76 -14.84 22.75 -17.10
N LYS A 77 -15.22 22.93 -18.36
CA LYS A 77 -14.65 22.15 -19.45
C LYS A 77 -13.35 22.81 -19.86
N VAL A 78 -12.30 21.99 -19.97
CA VAL A 78 -10.96 22.43 -20.31
C VAL A 78 -10.80 22.28 -21.82
N CYS A 79 -10.54 23.40 -22.50
CA CYS A 79 -10.49 23.43 -23.97
C CYS A 79 -9.15 23.94 -24.45
N ASN A 80 -8.38 23.03 -25.05
CA ASN A 80 -7.10 23.32 -25.67
C ASN A 80 -6.94 22.44 -26.94
N LYS A 81 -7.05 23.08 -28.10
CA LYS A 81 -6.97 22.39 -29.40
C LYS A 81 -5.69 21.55 -29.54
N LYS A 82 -4.55 22.15 -29.24
CA LYS A 82 -3.28 21.46 -29.33
C LYS A 82 -3.17 20.26 -28.38
N LEU A 83 -3.61 20.40 -27.12
CA LEU A 83 -3.52 19.29 -26.17
C LEU A 83 -4.51 18.19 -26.57
N TRP A 84 -5.66 18.59 -27.11
CA TRP A 84 -6.64 17.63 -27.61
C TRP A 84 -6.09 16.83 -28.75
N GLU A 85 -5.57 17.52 -29.77
CA GLU A 85 -5.01 16.84 -30.92
C GLU A 85 -3.83 15.94 -30.55
N ARG A 86 -3.07 16.36 -29.55
CA ARG A 86 -1.97 15.56 -29.03
C ARG A 86 -2.50 14.25 -28.42
N TYR A 87 -3.57 14.36 -27.66
CA TYR A 87 -4.23 13.18 -27.08
C TYR A 87 -4.83 12.28 -28.19
N THR A 88 -5.53 12.86 -29.15
CA THR A 88 -6.21 12.03 -30.19
C THR A 88 -5.20 11.34 -31.13
N HIS A 89 -4.04 11.96 -31.35
CA HIS A 89 -2.99 11.36 -32.15
C HIS A 89 -2.47 10.12 -31.48
N ARG A 90 -2.19 10.23 -30.18
CA ARG A 90 -1.64 9.11 -29.43
C ARG A 90 -2.73 8.03 -29.29
N ARG A 91 -3.97 8.45 -29.11
CA ARG A 91 -5.07 7.54 -29.04
C ARG A 91 -5.17 6.63 -30.28
N LYS A 92 -5.03 7.25 -31.45
CA LYS A 92 -5.07 6.51 -32.71
C LYS A 92 -3.90 5.52 -32.79
N GLU A 93 -2.71 5.92 -32.35
CA GLU A 93 -1.55 5.02 -32.33
C GLU A 93 -1.84 3.79 -31.45
N VAL A 94 -2.31 4.04 -30.22
CA VAL A 94 -2.62 2.96 -29.30
C VAL A 94 -3.67 2.03 -29.91
N SER A 95 -4.73 2.65 -30.39
CA SER A 95 -5.86 1.93 -30.95
C SER A 95 -5.41 0.98 -32.06
N GLU A 96 -4.50 1.46 -32.90
CA GLU A 96 -4.03 0.67 -34.03
C GLU A 96 -3.10 -0.47 -33.60
N GLU A 97 -2.47 -0.34 -32.43
CA GLU A 97 -1.70 -1.41 -31.83
C GLU A 97 -2.58 -2.40 -31.05
N ASN A 98 -3.89 -2.16 -30.98
CA ASN A 98 -4.79 -2.92 -30.08
C ASN A 98 -6.14 -3.16 -30.73
N HIS A 99 -6.11 -3.73 -31.93
CA HIS A 99 -7.32 -4.10 -32.70
C HIS A 99 -8.38 -3.04 -32.65
N ASN A 100 -8.00 -1.80 -32.91
CA ASN A 100 -8.93 -0.65 -33.04
C ASN A 100 -9.70 -0.39 -31.74
N HIS A 101 -9.00 -0.51 -30.63
CA HIS A 101 -9.59 -0.35 -29.30
C HIS A 101 -8.68 0.44 -28.42
N ALA A 102 -9.03 1.70 -28.18
CA ALA A 102 -8.19 2.60 -27.35
C ALA A 102 -8.34 2.23 -25.86
N ASN A 103 -9.43 1.56 -25.52
CA ASN A 103 -9.75 1.23 -24.11
C ASN A 103 -9.74 2.50 -23.29
N GLU A 104 -10.60 3.44 -23.69
CA GLU A 104 -10.61 4.78 -23.13
C GLU A 104 -11.54 4.87 -21.95
N ARG A 105 -11.06 5.50 -20.89
CA ARG A 105 -11.79 5.61 -19.63
C ARG A 105 -11.88 7.09 -19.20
N MET A 106 -12.79 7.39 -18.29
CA MET A 106 -12.82 8.69 -17.65
C MET A 106 -12.44 8.45 -16.21
N LEU A 107 -11.36 9.09 -15.77
CA LEU A 107 -10.77 8.80 -14.46
C LEU A 107 -10.33 10.10 -13.80
N PHE A 108 -10.17 10.07 -12.47
CA PHE A 108 -9.79 11.25 -11.70
C PHE A 108 -8.32 11.36 -11.54
N HIS A 109 -7.85 12.61 -11.40
CA HIS A 109 -6.48 12.91 -11.06
C HIS A 109 -6.49 14.09 -10.14
N GLY A 110 -5.83 13.96 -8.99
CA GLY A 110 -5.71 15.02 -8.01
C GLY A 110 -4.26 15.36 -7.84
N SER A 111 -3.90 16.65 -7.87
CA SER A 111 -2.50 17.03 -7.86
C SER A 111 -2.28 18.47 -7.45
N PRO A 112 -1.17 18.74 -6.78
CA PRO A 112 -0.80 20.16 -6.61
C PRO A 112 -0.48 20.86 -7.94
N PHE A 113 -0.30 20.11 -9.02
CA PHE A 113 0.16 20.70 -10.25
C PHE A 113 -0.95 20.80 -11.29
N VAL A 114 -2.17 20.95 -10.82
CA VAL A 114 -3.33 20.99 -11.71
C VAL A 114 -3.28 22.18 -12.66
N ASN A 115 -2.70 23.29 -12.23
CA ASN A 115 -2.56 24.45 -13.10
C ASN A 115 -1.62 24.17 -14.27
N ALA A 116 -0.48 23.52 -14.02
CA ALA A 116 0.44 23.10 -15.08
C ALA A 116 -0.25 22.12 -16.05
N ILE A 117 -1.08 21.24 -15.52
CA ILE A 117 -1.70 20.23 -16.37
C ILE A 117 -2.72 20.85 -17.33
N ILE A 118 -3.54 21.77 -16.87
CA ILE A 118 -4.56 22.30 -17.77
C ILE A 118 -3.96 23.17 -18.88
N HIS A 119 -2.82 23.78 -18.62
CA HIS A 119 -2.17 24.68 -19.58
C HIS A 119 -1.18 24.03 -20.47
N LYS A 120 -0.44 23.04 -19.95
CA LYS A 120 0.66 22.38 -20.67
C LYS A 120 0.40 20.89 -20.93
N GLY A 121 -0.61 20.34 -20.27
CA GLY A 121 -0.96 18.93 -20.41
C GLY A 121 -0.15 18.08 -19.45
N PHE A 122 -0.38 16.77 -19.49
CA PHE A 122 0.43 15.85 -18.74
C PHE A 122 1.73 15.60 -19.51
N ASP A 123 2.82 15.39 -18.77
CA ASP A 123 4.11 15.05 -19.34
C ASP A 123 5.02 14.37 -18.31
N GLU A 124 6.22 14.00 -18.71
CA GLU A 124 7.14 13.25 -17.83
C GLU A 124 7.51 13.93 -16.51
N ARG A 125 7.34 15.26 -16.40
CA ARG A 125 7.55 15.93 -15.13
C ARG A 125 6.55 15.51 -14.04
N HIS A 126 5.42 14.94 -14.46
CA HIS A 126 4.42 14.42 -13.50
C HIS A 126 4.64 12.97 -13.08
N ALA A 127 5.68 12.29 -13.58
CA ALA A 127 5.89 10.88 -13.22
C ALA A 127 6.13 10.75 -11.71
N TYR A 128 5.38 9.85 -11.08
CA TYR A 128 5.43 9.66 -9.63
C TYR A 128 6.51 8.63 -9.33
N ILE A 129 7.71 9.13 -9.01
CA ILE A 129 8.88 8.26 -8.85
C ILE A 129 8.65 7.20 -7.77
N GLY A 130 8.03 7.57 -6.65
CA GLY A 130 7.78 6.61 -5.59
C GLY A 130 6.49 5.81 -5.70
N GLY A 131 5.84 5.84 -6.85
CA GLY A 131 4.57 5.16 -7.01
C GLY A 131 4.75 3.66 -7.03
N MET A 132 3.76 2.95 -6.56
CA MET A 132 3.82 1.49 -6.43
C MET A 132 3.85 0.72 -7.73
N PHE A 133 3.47 1.35 -8.83
CA PHE A 133 3.55 0.74 -10.16
C PHE A 133 4.58 1.42 -11.04
N GLY A 134 5.61 2.00 -10.43
CA GLY A 134 6.69 2.64 -11.16
C GLY A 134 6.41 4.08 -11.48
N ALA A 135 7.37 4.71 -12.16
CA ALA A 135 7.34 6.15 -12.39
C ALA A 135 6.43 6.48 -13.56
N GLY A 136 5.13 6.60 -13.25
CA GLY A 136 4.15 7.01 -14.24
C GLY A 136 3.18 8.02 -13.68
N ILE A 137 2.12 8.26 -14.45
CA ILE A 137 1.11 9.21 -14.03
C ILE A 137 -0.12 8.40 -13.62
N TYR A 138 -0.59 8.67 -12.41
CA TYR A 138 -1.61 7.84 -11.73
C TYR A 138 -2.99 8.45 -11.81
N PHE A 139 -4.00 7.61 -12.04
CA PHE A 139 -5.41 8.01 -12.10
C PHE A 139 -6.24 7.06 -11.29
N ALA A 140 -7.40 7.51 -10.81
CA ALA A 140 -8.26 6.69 -9.96
C ALA A 140 -9.71 6.61 -10.42
N GLU A 141 -10.33 5.44 -10.24
CA GLU A 141 -11.79 5.35 -10.37
C GLU A 141 -12.51 6.04 -9.20
N ASN A 142 -11.96 5.94 -8.00
CA ASN A 142 -12.52 6.60 -6.80
C ASN A 142 -12.09 8.07 -6.76
N SER A 143 -13.05 8.99 -6.85
CA SER A 143 -12.71 10.40 -6.71
C SER A 143 -11.97 10.68 -5.39
N SER A 144 -12.39 9.99 -4.34
CA SER A 144 -11.80 10.17 -3.00
C SER A 144 -10.35 9.70 -2.94
N LYS A 145 -9.93 8.77 -3.81
CA LYS A 145 -8.50 8.40 -3.89
C LYS A 145 -7.68 9.57 -4.45
N SER A 146 -8.13 10.12 -5.57
CA SER A 146 -7.51 11.34 -6.15
C SER A 146 -7.51 12.53 -5.18
N ASN A 147 -8.59 12.68 -4.40
CA ASN A 147 -8.64 13.70 -3.34
C ASN A 147 -7.48 13.63 -2.35
N GLN A 148 -7.01 12.42 -2.07
CA GLN A 148 -5.86 12.25 -1.20
C GLN A 148 -4.60 12.93 -1.71
N TYR A 149 -4.53 13.28 -2.99
CA TYR A 149 -3.31 13.88 -3.56
C TYR A 149 -3.41 15.36 -3.93
N VAL A 150 -4.55 15.98 -3.67
CA VAL A 150 -4.76 17.39 -4.08
C VAL A 150 -3.70 18.30 -3.46
N TYR A 151 -3.40 18.03 -2.19
CA TYR A 151 -2.42 18.80 -1.44
C TYR A 151 -1.06 18.10 -1.34
N GLY A 152 -0.88 17.07 -2.14
CA GLY A 152 0.44 16.46 -2.32
C GLY A 152 0.40 15.01 -1.87
N ILE A 153 1.54 14.33 -1.97
CA ILE A 153 1.65 12.93 -1.57
C ILE A 153 1.29 12.80 -0.07
N GLY A 154 0.35 11.90 0.23
CA GLY A 154 -0.13 11.73 1.58
C GLY A 154 -0.93 12.90 2.12
N GLY A 155 -1.44 13.73 1.22
CA GLY A 155 -2.09 14.97 1.59
C GLY A 155 -1.14 16.11 1.95
N GLY A 156 0.18 15.90 1.83
CA GLY A 156 1.18 16.92 2.20
C GLY A 156 0.93 17.48 3.59
N THR A 157 1.01 18.80 3.71
CA THR A 157 0.67 19.50 4.95
C THR A 157 -0.77 20.04 4.92
N GLY A 158 -1.58 19.60 3.96
CA GLY A 158 -2.97 20.02 3.89
C GLY A 158 -3.10 21.37 3.20
N CYS A 159 -4.21 22.04 3.41
CA CYS A 159 -4.47 23.28 2.64
C CYS A 159 -3.39 24.37 2.90
N PRO A 160 -3.09 25.19 1.89
CA PRO A 160 -2.12 26.28 2.05
C PRO A 160 -2.49 27.25 3.19
N VAL A 161 -3.78 27.47 3.40
CA VAL A 161 -4.26 28.50 4.32
C VAL A 161 -4.28 28.05 5.79
N HIS A 162 -4.73 26.84 6.05
CA HIS A 162 -4.97 26.35 7.42
C HIS A 162 -4.07 25.19 7.83
N LYS A 163 -3.27 24.70 6.90
CA LYS A 163 -2.43 23.50 7.12
C LYS A 163 -3.28 22.33 7.62
N ASP A 164 -4.43 22.12 6.98
CA ASP A 164 -5.39 21.11 7.42
C ASP A 164 -5.76 20.20 6.24
N ARG A 165 -5.36 18.93 6.33
CA ARG A 165 -5.63 17.96 5.29
C ARG A 165 -7.13 17.64 5.22
N SER A 166 -7.85 17.85 6.32
CA SER A 166 -9.31 17.73 6.34
C SER A 166 -10.01 19.08 6.30
N CYS A 167 -9.41 20.10 5.72
CA CYS A 167 -10.09 21.42 5.68
C CYS A 167 -11.43 21.33 4.97
N TYR A 168 -12.45 21.87 5.63
CA TYR A 168 -13.80 21.93 5.09
C TYR A 168 -14.15 23.30 4.51
N ILE A 169 -13.20 24.23 4.56
CA ILE A 169 -13.45 25.60 4.11
C ILE A 169 -12.86 25.81 2.72
N CYS A 170 -11.59 25.45 2.57
CA CYS A 170 -10.84 25.76 1.38
C CYS A 170 -11.33 24.97 0.17
N HIS A 171 -11.31 25.67 -0.96
CA HIS A 171 -11.71 25.12 -2.25
C HIS A 171 -10.64 24.23 -2.83
N ARG A 172 -11.00 23.00 -3.15
CA ARG A 172 -10.10 22.05 -3.76
C ARG A 172 -10.45 21.84 -5.22
N GLN A 173 -9.51 21.32 -5.98
CA GLN A 173 -9.69 21.04 -7.41
C GLN A 173 -9.21 19.65 -7.80
N LEU A 174 -10.02 18.95 -8.61
CA LEU A 174 -9.68 17.66 -9.17
C LEU A 174 -9.80 17.78 -10.69
N LEU A 175 -9.11 16.93 -11.44
CA LEU A 175 -9.36 16.79 -12.89
C LEU A 175 -10.12 15.49 -13.15
N PHE A 176 -11.10 15.55 -14.03
CA PHE A 176 -11.78 14.33 -14.52
C PHE A 176 -11.31 14.20 -15.96
N CYS A 177 -10.53 13.15 -16.19
CA CYS A 177 -9.70 13.02 -17.38
C CYS A 177 -10.11 11.90 -18.31
N ARG A 178 -9.89 12.13 -19.60
CA ARG A 178 -10.06 11.09 -20.61
C ARG A 178 -8.72 10.41 -20.75
N VAL A 179 -8.73 9.08 -20.55
CA VAL A 179 -7.48 8.30 -20.45
C VAL A 179 -7.51 7.09 -21.36
N THR A 180 -6.48 7.02 -22.21
CA THR A 180 -6.25 5.90 -23.10
C THR A 180 -5.45 4.82 -22.37
N LEU A 181 -6.06 3.65 -22.11
CA LEU A 181 -5.36 2.54 -21.43
C LEU A 181 -4.71 1.57 -22.38
N GLY A 182 -5.26 1.44 -23.60
CA GLY A 182 -4.79 0.41 -24.52
C GLY A 182 -4.80 -0.97 -23.88
N LYS A 183 -3.81 -1.78 -24.21
CA LYS A 183 -3.64 -3.07 -23.54
C LYS A 183 -3.02 -2.80 -22.19
N SER A 184 -3.74 -3.12 -21.12
CA SER A 184 -3.31 -2.77 -19.77
C SER A 184 -2.80 -3.99 -19.03
N PHE A 185 -1.66 -3.80 -18.39
CA PHE A 185 -1.02 -4.82 -17.55
C PHE A 185 -1.65 -4.90 -16.17
N LEU A 186 -2.16 -6.08 -15.81
CA LEU A 186 -2.96 -6.28 -14.62
C LEU A 186 -2.09 -6.64 -13.44
N GLN A 187 -2.06 -5.76 -12.44
CA GLN A 187 -1.27 -5.94 -11.22
C GLN A 187 -2.27 -6.15 -10.07
N PHE A 188 -2.27 -7.36 -9.50
CA PHE A 188 -3.17 -7.68 -8.41
C PHE A 188 -2.43 -7.19 -7.17
N SER A 189 -3.06 -6.37 -6.33
CA SER A 189 -2.28 -5.76 -5.23
C SER A 189 -3.09 -5.38 -4.00
N ALA A 190 -2.42 -5.31 -2.86
CA ALA A 190 -3.05 -4.89 -1.61
C ALA A 190 -3.03 -3.36 -1.52
N MET B 2 10.22 9.34 -16.20
CA MET B 2 9.16 8.45 -16.68
C MET B 2 9.66 7.03 -17.02
N ALA B 3 9.10 6.02 -16.37
CA ALA B 3 9.48 4.62 -16.65
C ALA B 3 8.79 4.23 -17.93
N HIS B 4 9.03 3.00 -18.39
CA HIS B 4 8.35 2.48 -19.55
C HIS B 4 7.21 1.61 -19.14
N SER B 5 6.19 1.58 -19.98
CA SER B 5 5.10 0.64 -19.85
C SER B 5 5.67 -0.80 -19.95
N PRO B 6 5.04 -1.79 -19.28
CA PRO B 6 5.55 -3.14 -19.49
C PRO B 6 5.49 -3.57 -20.97
N PRO B 7 6.55 -4.23 -21.47
CA PRO B 7 6.61 -4.63 -22.88
C PRO B 7 5.28 -5.22 -23.32
N GLY B 8 4.78 -4.80 -24.48
CA GLY B 8 3.50 -5.28 -25.00
C GLY B 8 2.23 -4.63 -24.42
N HIS B 9 2.37 -3.65 -23.54
CA HIS B 9 1.23 -3.01 -22.89
C HIS B 9 1.34 -1.50 -23.00
N HIS B 10 0.22 -0.80 -22.84
CA HIS B 10 0.19 0.68 -22.93
C HIS B 10 -0.05 1.38 -21.62
N SER B 11 -0.26 0.57 -20.57
CA SER B 11 -0.69 1.08 -19.24
C SER B 11 -0.62 -0.07 -18.23
N VAL B 12 -0.75 0.26 -16.94
CA VAL B 12 -0.82 -0.73 -15.85
C VAL B 12 -2.11 -0.50 -15.10
N THR B 13 -2.81 -1.58 -14.79
CA THR B 13 -3.98 -1.52 -13.93
C THR B 13 -3.64 -2.04 -12.52
N GLY B 14 -3.93 -1.25 -11.50
CA GLY B 14 -3.73 -1.69 -10.12
C GLY B 14 -5.08 -2.18 -9.63
N ARG B 15 -5.24 -3.50 -9.60
CA ARG B 15 -6.49 -4.11 -9.12
CA ARG B 15 -6.48 -4.10 -9.12
C ARG B 15 -6.47 -4.22 -7.60
N PRO B 16 -7.56 -3.85 -6.93
CA PRO B 16 -7.50 -4.06 -5.47
C PRO B 16 -7.69 -5.53 -5.12
N SER B 17 -6.88 -6.05 -4.18
CA SER B 17 -6.92 -7.47 -3.76
C SER B 17 -7.05 -7.73 -2.23
N VAL B 18 -7.57 -6.76 -1.48
CA VAL B 18 -7.86 -6.93 -0.03
C VAL B 18 -9.11 -6.12 0.37
N ASN B 19 -9.01 -4.80 0.20
CA ASN B 19 -10.17 -3.92 0.32
C ASN B 19 -11.12 -4.19 -0.83
N GLY B 20 -12.14 -4.96 -0.49
CA GLY B 20 -13.17 -5.32 -1.44
C GLY B 20 -14.03 -4.19 -1.92
N LEU B 21 -13.99 -3.03 -1.26
CA LEU B 21 -14.70 -1.85 -1.73
C LEU B 21 -13.91 -0.86 -2.61
N ALA B 22 -12.58 -0.98 -2.68
CA ALA B 22 -11.75 -0.05 -3.45
C ALA B 22 -11.94 -0.31 -4.95
N LEU B 23 -12.04 0.77 -5.74
CA LEU B 23 -12.02 0.61 -7.21
C LEU B 23 -10.60 0.62 -7.72
N ALA B 24 -10.44 0.26 -9.00
CA ALA B 24 -9.15 0.24 -9.65
C ALA B 24 -8.49 1.60 -9.74
N GLU B 25 -7.15 1.54 -9.82
CA GLU B 25 -6.27 2.66 -10.11
C GLU B 25 -5.46 2.32 -11.37
N TYR B 26 -4.97 3.34 -12.07
CA TYR B 26 -4.33 3.14 -13.38
C TYR B 26 -3.12 4.01 -13.49
N VAL B 27 -2.16 3.55 -14.28
CA VAL B 27 -0.92 4.27 -14.52
C VAL B 27 -0.61 4.25 -16.01
N ILE B 28 -0.33 5.45 -16.56
CA ILE B 28 0.16 5.61 -17.93
C ILE B 28 1.57 6.17 -17.83
N TYR B 29 2.34 5.91 -18.89
CA TYR B 29 3.77 6.24 -18.94
C TYR B 29 4.06 7.19 -20.10
N ARG B 30 3.00 7.70 -20.73
CA ARG B 30 3.08 8.71 -21.76
C ARG B 30 2.04 9.78 -21.43
N GLY B 31 2.49 11.02 -21.26
CA GLY B 31 1.59 12.15 -21.02
C GLY B 31 0.49 12.36 -22.05
N GLU B 32 0.77 12.00 -23.30
CA GLU B 32 -0.21 12.18 -24.37
C GLU B 32 -1.40 11.22 -24.28
N GLN B 33 -1.32 10.21 -23.40
CA GLN B 33 -2.44 9.27 -23.21
C GLN B 33 -3.48 9.74 -22.20
N ALA B 34 -3.41 10.99 -21.76
CA ALA B 34 -4.50 11.54 -20.98
C ALA B 34 -4.83 12.96 -21.42
N TYR B 35 -6.12 13.30 -21.42
CA TYR B 35 -6.56 14.68 -21.65
C TYR B 35 -7.37 15.20 -20.44
N PRO B 36 -6.98 16.36 -19.89
CA PRO B 36 -7.66 16.83 -18.69
C PRO B 36 -8.99 17.52 -19.04
N GLU B 37 -10.07 16.76 -19.14
CA GLU B 37 -11.31 17.25 -19.74
C GLU B 37 -12.18 18.18 -18.89
N TYR B 38 -12.29 17.88 -17.60
CA TYR B 38 -13.06 18.71 -16.66
C TYR B 38 -12.20 19.08 -15.47
N LEU B 39 -12.30 20.36 -15.10
CA LEU B 39 -11.75 20.87 -13.86
C LEU B 39 -12.91 21.08 -12.88
N ILE B 40 -12.82 20.38 -11.75
CA ILE B 40 -13.88 20.38 -10.77
C ILE B 40 -13.40 21.07 -9.49
N THR B 41 -14.12 22.12 -9.10
CA THR B 41 -13.85 22.84 -7.86
C THR B 41 -14.86 22.45 -6.80
N TYR B 42 -14.37 22.13 -5.61
CA TYR B 42 -15.22 21.52 -4.59
C TYR B 42 -14.68 21.70 -3.19
N GLN B 43 -15.56 21.43 -2.23
CA GLN B 43 -15.17 21.23 -0.82
C GLN B 43 -15.58 19.83 -0.39
N ILE B 44 -14.79 19.26 0.50
CA ILE B 44 -15.23 18.05 1.19
C ILE B 44 -16.18 18.52 2.25
N MET B 45 -17.21 17.72 2.54
CA MET B 45 -18.20 18.11 3.53
C MET B 45 -18.05 17.32 4.83
N ARG B 46 -18.16 18.03 5.94
CA ARG B 46 -18.07 17.41 7.26
C ARG B 46 -19.29 16.56 7.47
N PRO B 47 -19.13 15.26 7.79
CA PRO B 47 -20.33 14.44 8.06
C PRO B 47 -21.12 14.98 9.27
N GLU B 48 -22.44 14.83 9.24
CA GLU B 48 -23.31 15.34 10.33
C GLU B 48 -23.23 14.48 11.58
N GLY C 30 -11.30 -0.81 14.11
CA GLY C 30 -10.66 0.40 14.69
C GLY C 30 -9.23 0.66 14.22
N THR C 31 -8.77 -0.06 13.20
CA THR C 31 -7.37 0.06 12.76
C THR C 31 -7.30 1.11 11.68
N ILE C 32 -6.29 1.97 11.75
CA ILE C 32 -6.00 2.83 10.63
C ILE C 32 -4.53 2.65 10.23
N LEU C 33 -4.26 2.81 8.92
CA LEU C 33 -2.93 2.65 8.35
C LEU C 33 -2.45 3.99 7.81
N ILE C 34 -1.30 4.45 8.31
CA ILE C 34 -0.72 5.72 7.89
C ILE C 34 0.50 5.43 7.01
N ASP C 35 0.49 5.92 5.78
CA ASP C 35 1.63 5.76 4.87
C ASP C 35 2.84 6.52 5.39
N LEU C 36 4.01 5.90 5.44
CA LEU C 36 5.23 6.65 5.73
C LEU C 36 5.89 7.07 4.43
N SER C 37 6.39 8.30 4.38
CA SER C 37 7.11 8.77 3.20
C SER C 37 8.48 8.10 3.08
N PRO C 38 8.91 7.82 1.84
CA PRO C 38 10.25 7.26 1.70
C PRO C 38 11.35 8.25 2.13
N ASP C 39 10.99 9.53 2.24
CA ASP C 39 11.90 10.58 2.73
C ASP C 39 12.01 10.62 4.25
N ASP C 40 11.14 9.89 4.94
CA ASP C 40 11.09 9.80 6.40
C ASP C 40 12.19 8.83 6.89
N LYS C 41 12.96 9.25 7.89
CA LYS C 41 13.91 8.35 8.54
C LYS C 41 13.23 7.07 9.04
N GLU C 42 12.01 7.15 9.49
CA GLU C 42 11.32 5.96 9.99
C GLU C 42 11.15 4.90 8.87
N PHE C 43 10.71 5.33 7.70
CA PHE C 43 10.58 4.45 6.52
C PHE C 43 11.94 3.89 6.22
N GLN C 44 12.94 4.76 6.20
CA GLN C 44 14.29 4.32 5.84
C GLN C 44 14.84 3.28 6.82
N SER C 45 14.52 3.41 8.11
CA SER C 45 14.97 2.47 9.12
C SER C 45 14.36 1.10 8.92
N VAL C 46 13.04 1.10 8.73
CA VAL C 46 12.33 -0.14 8.49
C VAL C 46 12.86 -0.83 7.21
N GLU C 47 13.03 -0.09 6.13
CA GLU C 47 13.55 -0.69 4.91
C GLU C 47 14.94 -1.31 5.18
N GLU C 48 15.79 -0.59 5.91
CA GLU C 48 17.15 -1.09 6.12
C GLU C 48 17.14 -2.40 6.92
N GLU C 49 16.19 -2.52 7.83
CA GLU C 49 16.03 -3.71 8.62
C GLU C 49 15.61 -4.87 7.73
N MET C 50 14.66 -4.63 6.81
CA MET C 50 14.29 -5.65 5.81
C MET C 50 15.48 -6.09 4.96
N GLN C 51 16.16 -5.12 4.34
CA GLN C 51 17.19 -5.43 3.36
C GLN C 51 18.38 -6.10 3.99
N SER C 52 18.77 -5.64 5.17
CA SER C 52 20.00 -6.10 5.80
C SER C 52 19.82 -7.45 6.48
N THR C 53 18.59 -7.98 6.56
CA THR C 53 18.36 -9.29 7.20
C THR C 53 17.92 -10.37 6.21
N VAL C 54 18.10 -10.12 4.91
CA VAL C 54 17.97 -11.17 3.89
C VAL C 54 19.15 -12.11 4.01
N ARG C 55 18.87 -13.41 3.99
CA ARG C 55 19.95 -14.40 3.93
C ARG C 55 19.57 -15.47 2.94
N GLU C 56 20.55 -16.35 2.68
CA GLU C 56 20.30 -17.56 1.91
C GLU C 56 19.65 -18.59 2.79
N HIS C 57 18.78 -19.40 2.19
CA HIS C 57 18.03 -20.41 2.91
C HIS C 57 18.37 -21.78 2.38
N ARG C 58 18.32 -22.76 3.28
CA ARG C 58 18.80 -24.10 2.95
C ARG C 58 17.93 -24.80 1.92
N ASP C 59 16.75 -24.25 1.61
CA ASP C 59 15.88 -24.81 0.57
C ASP C 59 16.17 -24.25 -0.84
N GLY C 60 17.24 -23.47 -0.96
CA GLY C 60 17.67 -22.91 -2.22
C GLY C 60 16.68 -21.93 -2.84
N GLY C 61 15.79 -21.37 -2.01
CA GLY C 61 14.73 -20.48 -2.47
C GLY C 61 13.37 -21.13 -2.69
N HIS C 62 13.26 -22.42 -2.39
CA HIS C 62 12.02 -23.17 -2.70
C HIS C 62 10.75 -22.55 -2.12
N ALA C 63 10.78 -22.20 -0.84
CA ALA C 63 9.60 -21.66 -0.17
C ALA C 63 9.33 -20.18 -0.46
N GLY C 64 10.39 -19.37 -0.38
CA GLY C 64 10.25 -17.92 -0.42
C GLY C 64 10.65 -17.25 -1.73
N GLY C 65 11.35 -17.99 -2.59
CA GLY C 65 11.90 -17.46 -3.85
C GLY C 65 13.38 -17.19 -3.82
N ILE C 66 13.95 -16.88 -4.98
CA ILE C 66 15.39 -16.58 -5.10
C ILE C 66 15.56 -15.08 -5.20
N PHE C 67 16.33 -14.52 -4.28
CA PHE C 67 16.54 -13.06 -4.19
C PHE C 67 17.57 -12.73 -3.14
N ASN C 68 18.23 -11.59 -3.32
CA ASN C 68 19.16 -11.04 -2.36
C ASN C 68 18.66 -9.75 -1.68
N ARG C 69 17.62 -9.15 -2.24
CA ARG C 69 17.07 -7.89 -1.76
C ARG C 69 15.63 -7.72 -2.25
N TYR C 70 14.96 -6.70 -1.72
CA TYR C 70 13.56 -6.42 -2.03
C TYR C 70 13.40 -5.11 -2.77
N ASN C 71 12.29 -4.98 -3.47
CA ASN C 71 11.79 -3.65 -3.85
C ASN C 71 10.68 -3.28 -2.90
N ILE C 72 10.97 -2.36 -1.96
CA ILE C 72 9.96 -1.89 -0.99
C ILE C 72 9.02 -0.88 -1.64
N LEU C 73 7.73 -1.19 -1.64
CA LEU C 73 6.72 -0.40 -2.32
C LEU C 73 5.98 0.57 -1.42
N LYS C 74 5.71 0.12 -0.20
CA LYS C 74 4.99 0.91 0.79
C LYS C 74 5.34 0.41 2.21
N ILE C 75 5.43 1.34 3.15
CA ILE C 75 5.49 0.97 4.57
C ILE C 75 4.43 1.81 5.28
N GLN C 76 3.51 1.15 5.97
CA GLN C 76 2.43 1.80 6.72
C GLN C 76 2.53 1.50 8.23
N LYS C 77 2.30 2.53 9.04
CA LYS C 77 2.14 2.34 10.48
C LYS C 77 0.74 1.86 10.74
N VAL C 78 0.64 0.81 11.53
CA VAL C 78 -0.63 0.23 11.92
C VAL C 78 -1.03 0.79 13.30
N CYS C 79 -2.14 1.52 13.33
CA CYS C 79 -2.59 2.25 14.51
C CYS C 79 -3.96 1.74 14.95
N ASN C 80 -4.01 1.16 16.14
CA ASN C 80 -5.26 0.73 16.73
C ASN C 80 -5.11 0.82 18.24
N LYS C 81 -5.82 1.79 18.83
CA LYS C 81 -5.75 2.10 20.25
C LYS C 81 -6.05 0.88 21.14
N LYS C 82 -7.09 0.13 20.80
CA LYS C 82 -7.47 -1.02 21.59
C LYS C 82 -6.39 -2.11 21.57
N LEU C 83 -5.91 -2.45 20.38
CA LEU C 83 -4.89 -3.50 20.25
C LEU C 83 -3.60 -3.04 20.92
N TRP C 84 -3.29 -1.74 20.83
CA TRP C 84 -2.11 -1.21 21.50
C TRP C 84 -2.26 -1.41 23.00
N GLU C 85 -3.40 -1.03 23.56
CA GLU C 85 -3.61 -1.15 25.01
C GLU C 85 -3.59 -2.60 25.51
N ARG C 86 -4.13 -3.51 24.71
CA ARG C 86 -4.02 -4.94 24.96
C ARG C 86 -2.56 -5.38 25.03
N TYR C 87 -1.76 -4.91 24.08
CA TYR C 87 -0.33 -5.22 24.07
C TYR C 87 0.39 -4.65 25.31
N THR C 88 0.19 -3.35 25.61
CA THR C 88 0.94 -2.73 26.71
C THR C 88 0.52 -3.27 28.08
N HIS C 89 -0.73 -3.68 28.19
CA HIS C 89 -1.22 -4.31 29.40
C HIS C 89 -0.50 -5.60 29.64
N ARG C 90 -0.40 -6.43 28.60
CA ARG C 90 0.34 -7.68 28.74
C ARG C 90 1.84 -7.42 28.96
N ARG C 91 2.39 -6.40 28.31
CA ARG C 91 3.81 -6.11 28.43
C ARG C 91 4.16 -5.77 29.88
N LYS C 92 3.29 -5.01 30.53
CA LYS C 92 3.49 -4.66 31.94
C LYS C 92 3.49 -5.88 32.85
N GLU C 93 2.57 -6.83 32.61
CA GLU C 93 2.52 -8.09 33.40
C GLU C 93 3.77 -8.91 33.24
N VAL C 94 4.21 -9.04 32.00
CA VAL C 94 5.40 -9.79 31.69
C VAL C 94 6.59 -9.08 32.30
N SER C 95 6.64 -7.76 32.15
CA SER C 95 7.78 -7.01 32.65
C SER C 95 7.93 -7.24 34.15
N GLU C 96 6.81 -7.15 34.85
CA GLU C 96 6.79 -7.29 36.31
C GLU C 96 7.20 -8.70 36.75
N GLU C 97 6.74 -9.73 36.03
CA GLU C 97 7.12 -11.11 36.29
C GLU C 97 8.58 -11.39 36.03
N ASN C 98 9.15 -10.66 35.07
CA ASN C 98 10.56 -10.79 34.70
C ASN C 98 11.43 -9.70 35.34
N HIS C 99 11.08 -9.32 36.56
CA HIS C 99 11.88 -8.36 37.34
C HIS C 99 12.19 -7.08 36.63
N ASN C 100 11.15 -6.48 36.06
CA ASN C 100 11.19 -5.19 35.40
C ASN C 100 11.93 -5.23 34.06
N HIS C 101 11.71 -6.28 33.27
CA HIS C 101 12.36 -6.41 31.97
C HIS C 101 11.44 -7.04 30.97
N ALA C 102 10.82 -6.23 30.09
CA ALA C 102 9.93 -6.80 29.05
C ALA C 102 10.65 -7.59 27.97
N ASN C 103 11.93 -7.26 27.75
CA ASN C 103 12.73 -7.94 26.74
C ASN C 103 12.02 -7.77 25.38
N GLU C 104 11.75 -6.51 25.03
CA GLU C 104 10.92 -6.16 23.86
C GLU C 104 11.76 -6.04 22.61
N ARG C 105 11.32 -6.70 21.55
CA ARG C 105 12.06 -6.71 20.29
C ARG C 105 11.16 -6.25 19.14
N MET C 106 11.80 -5.86 18.04
CA MET C 106 11.12 -5.67 16.76
C MET C 106 11.50 -6.86 15.87
N LEU C 107 10.50 -7.59 15.39
CA LEU C 107 10.69 -8.84 14.68
C LEU C 107 9.65 -8.98 13.56
N PHE C 108 10.00 -9.73 12.51
CA PHE C 108 9.13 -9.90 11.35
C PHE C 108 8.17 -11.07 11.53
N HIS C 109 7.01 -10.95 10.91
CA HIS C 109 6.04 -12.04 10.77
C HIS C 109 5.44 -11.99 9.38
N GLY C 110 5.50 -13.11 8.69
CA GLY C 110 4.90 -13.23 7.37
C GLY C 110 3.77 -14.24 7.43
N SER C 111 2.63 -13.94 6.83
CA SER C 111 1.49 -14.83 7.02
C SER C 111 0.42 -14.58 5.98
N PRO C 112 -0.31 -15.65 5.58
CA PRO C 112 -1.55 -15.49 4.82
C PRO C 112 -2.62 -14.71 5.56
N PHE C 113 -2.53 -14.60 6.89
CA PHE C 113 -3.61 -13.99 7.69
C PHE C 113 -3.27 -12.58 8.17
N VAL C 114 -2.47 -11.87 7.38
CA VAL C 114 -2.03 -10.52 7.73
C VAL C 114 -3.24 -9.57 7.85
N ASN C 115 -4.27 -9.80 7.03
CA ASN C 115 -5.45 -8.94 7.11
C ASN C 115 -6.18 -9.11 8.47
N ALA C 116 -6.25 -10.34 8.98
CA ALA C 116 -6.85 -10.56 10.31
C ALA C 116 -5.98 -9.94 11.41
N ILE C 117 -4.66 -10.02 11.26
CA ILE C 117 -3.76 -9.56 12.31
C ILE C 117 -3.86 -8.04 12.51
N ILE C 118 -3.82 -7.31 11.41
CA ILE C 118 -3.86 -5.84 11.53
C ILE C 118 -5.22 -5.29 12.00
N HIS C 119 -6.31 -6.04 11.81
CA HIS C 119 -7.62 -5.60 12.30
C HIS C 119 -8.00 -6.16 13.63
N LYS C 120 -7.64 -7.40 13.92
CA LYS C 120 -8.10 -8.11 15.11
C LYS C 120 -6.96 -8.50 16.05
N GLY C 121 -5.73 -8.31 15.61
CA GLY C 121 -4.55 -8.60 16.41
C GLY C 121 -4.11 -10.04 16.35
N PHE C 122 -2.98 -10.34 16.97
CA PHE C 122 -2.59 -11.72 17.17
C PHE C 122 -3.49 -12.35 18.23
N ASP C 123 -3.85 -13.61 18.02
CA ASP C 123 -4.58 -14.42 19.01
C ASP C 123 -4.27 -15.91 18.81
N GLU C 124 -4.87 -16.78 19.62
CA GLU C 124 -4.50 -18.22 19.62
C GLU C 124 -4.84 -18.95 18.31
N ARG C 125 -5.66 -18.37 17.44
CA ARG C 125 -5.92 -18.99 16.14
C ARG C 125 -4.72 -18.95 15.21
N HIS C 126 -3.72 -18.13 15.54
CA HIS C 126 -2.46 -18.09 14.77
C HIS C 126 -1.46 -19.12 15.21
N ALA C 127 -1.81 -19.89 16.24
CA ALA C 127 -0.89 -20.92 16.77
C ALA C 127 -0.49 -21.89 15.68
N TYR C 128 0.83 -21.99 15.46
CA TYR C 128 1.39 -22.88 14.47
C TYR C 128 1.59 -24.28 15.06
N ILE C 129 0.59 -25.13 14.87
CA ILE C 129 0.55 -26.48 15.48
C ILE C 129 1.84 -27.23 15.22
N GLY C 130 2.22 -27.33 13.96
CA GLY C 130 3.41 -28.09 13.62
C GLY C 130 4.74 -27.36 13.72
N GLY C 131 4.78 -26.25 14.46
CA GLY C 131 6.02 -25.50 14.62
C GLY C 131 7.00 -26.30 15.47
N MET C 132 8.28 -26.19 15.14
CA MET C 132 9.35 -26.92 15.84
C MET C 132 9.47 -26.62 17.33
N PHE C 133 8.96 -25.46 17.77
CA PHE C 133 8.88 -25.14 19.20
C PHE C 133 7.46 -25.14 19.74
N GLY C 134 6.61 -25.97 19.16
CA GLY C 134 5.24 -26.10 19.64
C GLY C 134 4.32 -25.03 19.10
N ALA C 135 3.06 -25.18 19.48
CA ALA C 135 1.97 -24.39 18.94
C ALA C 135 1.99 -22.98 19.55
N GLY C 136 2.76 -22.10 18.92
CA GLY C 136 2.77 -20.71 19.23
C GLY C 136 2.82 -19.85 17.97
N ILE C 137 3.06 -18.57 18.17
CA ILE C 137 3.12 -17.65 17.04
C ILE C 137 4.59 -17.31 16.84
N TYR C 138 5.08 -17.44 15.61
CA TYR C 138 6.50 -17.42 15.32
C TYR C 138 6.94 -16.09 14.68
N PHE C 139 8.14 -15.61 15.04
CA PHE C 139 8.66 -14.36 14.48
C PHE C 139 10.13 -14.58 14.16
N ALA C 140 10.66 -13.76 13.25
CA ALA C 140 12.04 -13.92 12.76
C ALA C 140 12.83 -12.64 12.83
N GLU C 141 14.10 -12.74 13.20
CA GLU C 141 15.04 -11.64 12.94
C GLU C 141 15.38 -11.49 11.44
N ASN C 142 15.39 -12.59 10.70
CA ASN C 142 15.64 -12.58 9.24
C ASN C 142 14.34 -12.29 8.50
N SER C 143 14.28 -11.16 7.84
CA SER C 143 13.11 -10.85 7.02
C SER C 143 12.86 -11.96 6.00
N SER C 144 13.91 -12.54 5.45
CA SER C 144 13.73 -13.57 4.41
C SER C 144 13.15 -14.85 4.97
N LYS C 145 13.31 -15.08 6.29
CA LYS C 145 12.66 -16.25 6.95
C LYS C 145 11.15 -16.04 6.95
N SER C 146 10.71 -14.90 7.45
CA SER C 146 9.31 -14.54 7.44
C SER C 146 8.69 -14.52 6.03
N ASN C 147 9.48 -14.10 5.04
CA ASN C 147 9.04 -14.13 3.63
C ASN C 147 8.63 -15.54 3.17
N GLN C 148 9.28 -16.57 3.71
CA GLN C 148 8.93 -17.96 3.41
C GLN C 148 7.50 -18.40 3.78
N TYR C 149 6.83 -17.63 4.63
CA TYR C 149 5.49 -17.92 5.09
C TYR C 149 4.38 -17.02 4.53
N VAL C 150 4.76 -16.00 3.77
CA VAL C 150 3.79 -15.03 3.22
C VAL C 150 2.66 -15.73 2.45
N TYR C 151 3.01 -16.74 1.66
CA TYR C 151 2.00 -17.52 0.90
C TYR C 151 1.64 -18.87 1.56
N GLY C 152 1.96 -19.00 2.85
CA GLY C 152 1.61 -20.16 3.64
C GLY C 152 2.82 -20.99 4.04
N ILE C 153 2.56 -22.05 4.79
CA ILE C 153 3.61 -22.97 5.22
C ILE C 153 4.35 -23.52 4.00
N GLY C 154 5.68 -23.43 4.03
CA GLY C 154 6.49 -23.86 2.87
C GLY C 154 6.32 -23.03 1.60
N GLY C 155 5.73 -21.84 1.73
CA GLY C 155 5.41 -20.99 0.60
C GLY C 155 4.11 -21.36 -0.10
N GLY C 156 3.38 -22.33 0.48
CA GLY C 156 2.16 -22.90 -0.15
C GLY C 156 2.37 -23.21 -1.61
N THR C 157 1.46 -22.74 -2.45
CA THR C 157 1.59 -22.86 -3.91
C THR C 157 2.07 -21.53 -4.54
N GLY C 158 2.66 -20.65 -3.73
CA GLY C 158 3.19 -19.38 -4.22
C GLY C 158 2.07 -18.38 -4.43
N CYS C 159 2.34 -17.40 -5.27
CA CYS C 159 1.43 -16.29 -5.49
C CYS C 159 0.12 -16.79 -6.12
N PRO C 160 -1.00 -16.14 -5.79
CA PRO C 160 -2.30 -16.54 -6.38
C PRO C 160 -2.36 -16.51 -7.91
N VAL C 161 -1.80 -15.45 -8.50
CA VAL C 161 -1.91 -15.21 -9.94
C VAL C 161 -1.03 -16.12 -10.79
N HIS C 162 0.19 -16.36 -10.35
CA HIS C 162 1.10 -17.19 -11.13
C HIS C 162 1.43 -18.55 -10.53
N LYS C 163 1.02 -18.79 -9.29
CA LYS C 163 1.38 -20.04 -8.60
C LYS C 163 2.90 -20.19 -8.55
N ASP C 164 3.59 -19.09 -8.24
CA ASP C 164 5.03 -19.06 -8.28
C ASP C 164 5.54 -18.58 -6.92
N ARG C 165 6.23 -19.45 -6.19
CA ARG C 165 6.76 -19.09 -4.88
C ARG C 165 7.89 -18.07 -5.03
N SER C 166 8.47 -17.99 -6.23
CA SER C 166 9.50 -16.98 -6.51
C SER C 166 9.00 -15.83 -7.40
N CYS C 167 7.69 -15.57 -7.36
CA CYS C 167 7.13 -14.51 -8.22
C CYS C 167 7.83 -13.19 -7.95
N TYR C 168 8.30 -12.53 -9.03
CA TYR C 168 8.94 -11.20 -8.96
C TYR C 168 7.94 -10.09 -9.30
N ILE C 169 6.73 -10.46 -9.69
CA ILE C 169 5.73 -9.49 -10.13
C ILE C 169 4.78 -9.12 -9.01
N CYS C 170 4.19 -10.13 -8.38
CA CYS C 170 3.12 -9.91 -7.43
C CYS C 170 3.63 -9.29 -6.11
N HIS C 171 2.82 -8.40 -5.55
CA HIS C 171 3.16 -7.65 -4.35
C HIS C 171 2.95 -8.54 -3.17
N ARG C 172 3.90 -8.53 -2.24
CA ARG C 172 3.85 -9.28 -0.97
C ARG C 172 3.73 -8.33 0.21
N GLN C 173 3.21 -8.82 1.33
CA GLN C 173 3.19 -8.06 2.58
C GLN C 173 3.77 -8.83 3.78
N LEU C 174 4.61 -8.15 4.57
CA LEU C 174 5.16 -8.66 5.83
C LEU C 174 4.80 -7.67 6.91
N LEU C 175 4.83 -8.14 8.15
CA LEU C 175 4.67 -7.27 9.31
C LEU C 175 5.97 -7.15 10.04
N PHE C 176 6.24 -5.96 10.58
CA PHE C 176 7.40 -5.77 11.46
C PHE C 176 6.79 -5.39 12.80
N CYS C 177 6.92 -6.29 13.78
CA CYS C 177 6.07 -6.27 14.97
C CYS C 177 6.85 -5.96 16.24
N ARG C 178 6.21 -5.30 17.18
CA ARG C 178 6.77 -5.18 18.54
C ARG C 178 6.43 -6.46 19.33
N VAL C 179 7.44 -7.20 19.81
CA VAL C 179 7.21 -8.46 20.51
C VAL C 179 7.78 -8.43 21.92
N THR C 180 6.97 -8.78 22.91
CA THR C 180 7.45 -8.90 24.30
C THR C 180 7.94 -10.33 24.53
N LEU C 181 9.25 -10.52 24.77
CA LEU C 181 9.79 -11.86 25.03
C LEU C 181 9.84 -12.27 26.51
N GLY C 182 9.83 -11.31 27.41
CA GLY C 182 10.05 -11.59 28.85
C GLY C 182 11.24 -12.53 29.05
N LYS C 183 11.13 -13.42 30.02
CA LYS C 183 12.13 -14.48 30.22
C LYS C 183 12.00 -15.51 29.09
N SER C 184 12.95 -15.51 28.16
CA SER C 184 12.88 -16.41 27.02
C SER C 184 13.71 -17.69 27.25
N PHE C 185 13.10 -18.82 26.95
CA PHE C 185 13.75 -20.13 27.01
C PHE C 185 14.61 -20.36 25.76
N LEU C 186 15.92 -20.50 25.93
CA LEU C 186 16.83 -20.70 24.81
C LEU C 186 16.82 -22.15 24.35
N GLN C 187 16.45 -22.36 23.10
CA GLN C 187 16.48 -23.66 22.46
C GLN C 187 17.45 -23.60 21.30
N PHE C 188 18.46 -24.45 21.31
CA PHE C 188 19.35 -24.52 20.19
C PHE C 188 18.70 -25.54 19.28
N SER C 189 18.76 -25.32 17.98
CA SER C 189 18.15 -26.24 17.04
C SER C 189 19.05 -26.42 15.87
N ALA C 190 18.91 -27.58 15.25
CA ALA C 190 19.86 -28.10 14.28
C ALA C 190 19.87 -27.35 12.95
N MET C 191 19.04 -26.32 12.82
CA MET C 191 18.97 -25.50 11.61
C MET C 191 20.29 -24.71 11.37
N MET D 2 -3.19 -23.38 21.07
CA MET D 2 -2.02 -22.66 21.67
C MET D 2 -1.40 -23.43 22.85
N ALA D 3 -0.14 -23.87 22.68
CA ALA D 3 0.64 -24.47 23.77
C ALA D 3 0.95 -23.45 24.88
N HIS D 4 1.45 -23.95 26.01
CA HIS D 4 1.93 -23.08 27.09
C HIS D 4 3.38 -22.76 26.87
N SER D 5 3.81 -21.62 27.39
CA SER D 5 5.24 -21.31 27.46
C SER D 5 5.87 -22.35 28.38
N PRO D 6 7.17 -22.63 28.19
CA PRO D 6 7.88 -23.43 29.19
C PRO D 6 7.66 -22.84 30.59
N PRO D 7 7.51 -23.68 31.63
CA PRO D 7 7.31 -23.14 32.99
C PRO D 7 8.34 -22.07 33.38
N GLY D 8 7.86 -20.95 33.90
CA GLY D 8 8.73 -19.86 34.33
C GLY D 8 9.23 -18.96 33.21
N HIS D 9 8.73 -19.18 31.99
CA HIS D 9 9.21 -18.49 30.79
C HIS D 9 8.06 -17.86 30.02
N HIS D 10 8.35 -16.81 29.24
CA HIS D 10 7.29 -16.06 28.50
C HIS D 10 7.36 -16.24 27.00
N SER D 11 8.38 -16.98 26.54
CA SER D 11 8.65 -17.18 25.12
C SER D 11 9.78 -18.20 24.94
N VAL D 12 10.01 -18.59 23.69
CA VAL D 12 11.15 -19.43 23.35
C VAL D 12 11.97 -18.74 22.27
N THR D 13 13.30 -18.76 22.46
CA THR D 13 14.25 -18.33 21.46
C THR D 13 14.80 -19.57 20.77
N GLY D 14 14.72 -19.60 19.46
CA GLY D 14 15.29 -20.65 18.65
C GLY D 14 16.54 -20.10 18.03
N ARG D 15 17.69 -20.65 18.42
CA ARG D 15 18.96 -20.22 17.87
C ARG D 15 19.55 -21.31 16.99
N PRO D 16 19.62 -21.05 15.67
CA PRO D 16 20.19 -22.06 14.75
C PRO D 16 21.61 -22.37 15.16
N SER D 17 21.85 -23.65 15.43
CA SER D 17 23.14 -24.10 15.93
C SER D 17 24.14 -24.45 14.82
N VAL D 18 23.67 -24.75 13.62
CA VAL D 18 24.57 -25.23 12.55
C VAL D 18 24.94 -24.12 11.58
N ASN D 19 24.05 -23.15 11.40
CA ASN D 19 24.29 -21.99 10.55
C ASN D 19 24.45 -20.73 11.41
N GLY D 20 25.69 -20.39 11.72
CA GLY D 20 26.00 -19.15 12.44
C GLY D 20 25.63 -17.86 11.70
N LEU D 21 25.31 -17.95 10.40
CA LEU D 21 24.73 -16.80 9.66
C LEU D 21 23.20 -16.64 9.78
N ALA D 22 22.51 -17.69 10.21
CA ALA D 22 21.06 -17.60 10.44
C ALA D 22 20.80 -16.86 11.73
N LEU D 23 19.88 -15.91 11.69
CA LEU D 23 19.50 -15.20 12.92
C LEU D 23 18.43 -15.98 13.68
N ALA D 24 18.12 -15.51 14.88
CA ALA D 24 17.19 -16.21 15.78
C ALA D 24 15.75 -16.12 15.32
N GLU D 25 14.96 -17.10 15.74
CA GLU D 25 13.51 -17.14 15.59
C GLU D 25 12.92 -17.13 17.00
N TYR D 26 11.69 -16.66 17.16
CA TYR D 26 11.09 -16.53 18.49
C TYR D 26 9.64 -16.96 18.44
N VAL D 27 9.17 -17.50 19.56
CA VAL D 27 7.80 -18.02 19.66
C VAL D 27 7.19 -17.49 20.94
N ILE D 28 5.98 -16.93 20.83
CA ILE D 28 5.21 -16.49 21.97
C ILE D 28 3.96 -17.35 22.00
N TYR D 29 3.38 -17.50 23.17
CA TYR D 29 2.22 -18.38 23.35
C TYR D 29 0.99 -17.58 23.84
N ARG D 30 1.07 -16.27 23.71
CA ARG D 30 -0.05 -15.37 24.03
C ARG D 30 -0.08 -14.30 22.96
N GLY D 31 -1.20 -14.15 22.26
CA GLY D 31 -1.31 -13.15 21.19
C GLY D 31 -1.07 -11.72 21.65
N GLU D 32 -1.33 -11.47 22.93
CA GLU D 32 -1.18 -10.14 23.49
C GLU D 32 0.27 -9.69 23.60
N GLN D 33 1.22 -10.60 23.40
CA GLN D 33 2.65 -10.26 23.48
C GLN D 33 3.28 -9.76 22.18
N ALA D 34 2.45 -9.48 21.16
CA ALA D 34 2.94 -8.91 19.92
C ALA D 34 1.95 -7.86 19.35
N TYR D 35 2.52 -6.80 18.80
CA TYR D 35 1.70 -5.75 18.19
C TYR D 35 2.22 -5.53 16.79
N PRO D 36 1.35 -5.58 15.78
CA PRO D 36 1.78 -5.44 14.40
C PRO D 36 2.02 -3.98 14.00
N GLU D 37 3.20 -3.48 14.28
CA GLU D 37 3.44 -2.04 14.19
C GLU D 37 3.56 -1.47 12.77
N TYR D 38 4.16 -2.24 11.86
CA TYR D 38 4.38 -1.80 10.48
C TYR D 38 3.93 -2.85 9.49
N LEU D 39 3.23 -2.40 8.47
CA LEU D 39 2.85 -3.23 7.34
C LEU D 39 3.69 -2.85 6.14
N ILE D 40 4.46 -3.81 5.63
CA ILE D 40 5.39 -3.58 4.54
C ILE D 40 4.93 -4.32 3.30
N THR D 41 4.71 -3.57 2.21
CA THR D 41 4.40 -4.11 0.89
C THR D 41 5.65 -4.06 0.02
N TYR D 42 5.99 -5.18 -0.60
CA TYR D 42 7.25 -5.34 -1.34
C TYR D 42 7.19 -6.36 -2.46
N GLN D 43 8.20 -6.32 -3.31
CA GLN D 43 8.50 -7.41 -4.22
C GLN D 43 9.86 -7.97 -3.87
N ILE D 44 10.02 -9.28 -4.10
CA ILE D 44 11.37 -9.83 -4.13
C ILE D 44 11.96 -9.44 -5.48
N MET D 45 13.24 -9.17 -5.53
CA MET D 45 13.93 -8.81 -6.78
C MET D 45 14.73 -9.97 -7.36
N ARG D 46 14.62 -10.17 -8.67
CA ARG D 46 15.46 -11.18 -9.34
C ARG D 46 16.93 -10.76 -9.28
N PRO D 47 17.84 -11.67 -8.88
CA PRO D 47 19.25 -11.26 -8.86
C PRO D 47 19.81 -11.02 -10.26
N GLU D 48 20.72 -10.06 -10.38
CA GLU D 48 21.14 -9.56 -11.68
C GLU D 48 22.16 -10.45 -12.37
ZN ZN E . -8.07 25.45 4.64
S SO4 F . -6.65 3.35 0.67
O1 SO4 F . -7.87 3.03 1.44
O2 SO4 F . -6.66 2.54 -0.57
O3 SO4 F . -6.61 4.76 0.27
O4 SO4 F . -5.45 2.97 1.39
S SO4 G . -23.09 13.13 5.54
O1 SO4 G . -22.35 11.92 5.90
O2 SO4 G . -24.19 12.79 4.62
O3 SO4 G . -22.21 14.11 4.85
O4 SO4 G . -23.59 13.72 6.82
CAD 1VF H . 4.56 12.95 -8.12
CAC 1VF H . 5.23 13.82 -9.21
NAB 1VF H . 6.59 14.21 -8.75
CAA 1VF H . 7.30 14.99 -9.82
CAG 1VF H . 6.25 15.26 -7.75
CAF 1VF H . 5.47 14.71 -6.61
NAE 1VF H . 4.24 13.96 -7.12
CAH 1VF H . 2.99 14.26 -6.73
OAI 1VF H . 2.78 15.16 -5.91
CAJ 1VF H . 1.87 13.48 -7.06
CAO 1VF H . 0.68 14.06 -7.45
CAN 1VF H . -0.46 13.29 -7.69
CAK 1VF H . 1.88 12.09 -6.86
CAL 1VF H . 0.74 11.30 -7.10
CAM 1VF H . -0.44 11.90 -7.54
CAP 1VF H . -1.59 11.11 -7.74
OAZ 1VF H . -1.45 9.82 -7.32
CAY 1VF H . -2.50 8.93 -7.43
CAX 1VF H . -2.29 7.60 -7.05
CAW 1VF H . -3.32 6.67 -7.20
CAV 1VF H . -4.55 7.06 -7.72
CAU 1VF H . -4.75 8.41 -8.08
CAT 1VF H . -3.71 9.36 -7.94
CAR 1VF H . -3.91 10.70 -8.30
OAS 1VF H . -5.02 11.13 -8.64
CAQ 1VF H . -2.84 11.57 -8.18
C1 GOL I . -11.84 -9.53 -4.68
O1 GOL I . -13.08 -10.26 -4.72
C2 GOL I . -11.25 -9.73 -3.31
O2 GOL I . -10.08 -10.54 -3.44
C3 GOL I . -10.98 -8.34 -2.70
O3 GOL I . -11.16 -8.37 -1.27
ZN ZN J . 2.73 -13.73 -9.20
S SO4 K . 16.54 -22.27 6.53
O1 SO4 K . 15.42 -21.48 6.03
O2 SO4 K . 16.20 -23.69 6.47
O3 SO4 K . 17.79 -21.96 5.79
O4 SO4 K . 16.80 -21.94 7.93
S SO4 L . 21.14 -8.33 -6.87
O1 SO4 L . 19.73 -8.09 -6.57
O2 SO4 L . 21.47 -9.72 -6.45
O3 SO4 L . 21.40 -8.22 -8.32
O4 SO4 L . 22.02 -7.41 -6.12
CAD 1VF M . -0.17 -21.46 11.26
CAC 1VF M . -1.49 -21.34 11.97
NAB 1VF M . -2.45 -22.32 11.50
CAA 1VF M . -3.63 -22.46 12.39
CAG 1VF M . -2.77 -21.97 10.13
CAF 1VF M . -1.58 -22.18 9.22
NAE 1VF M . -0.41 -21.42 9.82
CAH 1VF M . 0.31 -20.61 9.03
OAI 1VF M . 0.03 -20.53 7.82
CAJ 1VF M . 1.49 -19.93 9.43
CAO 1VF M . 1.67 -18.58 9.18
CAN 1VF M . 2.87 -17.93 9.52
CAK 1VF M . 2.56 -20.64 9.96
CAL 1VF M . 3.75 -20.01 10.27
CAM 1VF M . 3.94 -18.64 10.07
CAP 1VF M . 5.18 -18.06 10.38
OAZ 1VF M . 6.15 -18.98 10.75
CAY 1VF M . 7.41 -18.57 11.07
CAX 1VF M . 8.35 -19.50 11.52
CAW 1VF M . 9.62 -19.10 11.86
CAV 1VF M . 9.98 -17.75 11.76
CAU 1VF M . 9.04 -16.82 11.31
CAT 1VF M . 7.76 -17.22 10.93
CAR 1VF M . 6.82 -16.29 10.45
OAS 1VF M . 7.13 -15.10 10.27
CAQ 1VF M . 5.51 -16.73 10.20
#